data_1T0O
#
_entry.id   1T0O
#
_cell.length_a   57.834
_cell.length_b   58.313
_cell.length_c   153.660
_cell.angle_alpha   90.00
_cell.angle_beta   90.00
_cell.angle_gamma   90.00
#
_symmetry.space_group_name_H-M   'P 21 21 21'
#
loop_
_entity.id
_entity.type
_entity.pdbx_description
1 polymer alpha-galactosidase
2 branched 2-acetamido-2-deoxy-beta-D-glucopyranose-(1-4)-2-acetamido-2-deoxy-beta-D-glucopyranose
3 branched alpha-D-mannopyranose-(1-3)-[alpha-D-mannopyranose-(1-6)]alpha-D-mannopyranose-(1-6)-[alpha-D-mannopyranose-(1-3)]beta-D-mannopyranose-(1-4)-2-acetamido-2-deoxy-beta-D-glucopyranose-(1-4)-2-acetamido-2-deoxy-beta-D-glucopyranose
4 branched alpha-D-mannopyranose-(1-3)-beta-D-mannopyranose-(1-4)-2-acetamido-2-deoxy-beta-D-glucopyranose-(1-4)-2-acetamido-2-deoxy-beta-D-glucopyranose
5 non-polymer beta-D-galactopyranose
6 water water
#
_entity_poly.entity_id   1
_entity_poly.type   'polypeptide(L)'
_entity_poly.pdbx_seq_one_letter_code
;IVMPDGVTGKVPSLGWNSWNAYHCDIDESKFLSAAELIVSSGLLDAGYNYVNIDDCWSMKDGRVDGHIAPNATRFPDGID
GLAKKVHALGLKLGIYSTAGTATCAGYPASLGYEDVDAADFADWGVDYLKYDNCNVPSDWQDEYVACNPDFVKTGPNGTC
TTALDPTLAPPGYDWSTSKSAERFGAMRNALAKQSHEIVLSMCIWGQADVFSWGNSTGISWRMSDDISPNWGSVTRILNL
NSFKLNSVDFWGHNDADMLEVGNGNLTAAETRTHFALWAAMKSPLLIGTDLAQLSQNNINLLKNKHLLAFNQDSVYGQPA
TPYKWGINPDWTFNVTYPAEFWAGPSSKGHLVLMVNTLDITATKEAKWNEIPGLSAGHYEVRDVWSDKDLGCLSSYKAAV
AAHDTAVILVGKKCQRW
;
_entity_poly.pdbx_strand_id   A
#
# COMPACT_ATOMS: atom_id res chain seq x y z
N ILE A 1 -13.78 -2.77 -2.61
CA ILE A 1 -14.99 -3.18 -3.39
C ILE A 1 -14.77 -4.55 -4.02
N VAL A 2 -15.81 -5.38 -4.09
CA VAL A 2 -15.67 -6.69 -4.73
C VAL A 2 -15.65 -6.51 -6.24
N MET A 3 -14.80 -7.25 -6.92
CA MET A 3 -14.70 -7.14 -8.36
C MET A 3 -15.43 -8.31 -9.00
N PRO A 4 -15.98 -8.13 -10.20
CA PRO A 4 -16.80 -9.17 -10.84
C PRO A 4 -16.11 -10.52 -11.02
N ASP A 5 -14.80 -10.55 -11.22
CA ASP A 5 -14.13 -11.83 -11.43
C ASP A 5 -13.97 -12.60 -10.14
N GLY A 6 -14.39 -12.00 -9.04
CA GLY A 6 -14.38 -12.65 -7.74
C GLY A 6 -13.04 -12.89 -7.08
N VAL A 7 -11.94 -12.46 -7.69
CA VAL A 7 -10.65 -12.62 -7.03
C VAL A 7 -9.70 -11.43 -7.17
N THR A 8 -9.71 -10.76 -8.30
CA THR A 8 -8.73 -9.71 -8.54
C THR A 8 -8.95 -8.53 -7.59
N GLY A 9 -7.99 -8.33 -6.69
CA GLY A 9 -8.07 -7.23 -5.76
C GLY A 9 -8.66 -7.60 -4.42
N LYS A 10 -8.98 -8.88 -4.23
CA LYS A 10 -9.49 -9.32 -2.95
C LYS A 10 -8.40 -9.22 -1.90
N VAL A 11 -7.21 -9.69 -2.26
CA VAL A 11 -6.06 -9.55 -1.36
C VAL A 11 -5.25 -8.40 -1.96
N PRO A 12 -4.29 -7.88 -1.21
CA PRO A 12 -3.55 -6.67 -1.64
C PRO A 12 -2.87 -6.88 -2.98
N SER A 13 -2.87 -5.86 -3.83
CA SER A 13 -2.14 -5.90 -5.09
C SER A 13 -0.63 -5.99 -4.86
N LEU A 14 0.07 -6.73 -5.71
CA LEU A 14 1.51 -6.87 -5.60
C LEU A 14 2.10 -6.54 -6.95
N GLY A 15 3.09 -5.66 -6.96
CA GLY A 15 3.75 -5.37 -8.22
C GLY A 15 4.86 -4.36 -8.09
N TRP A 16 4.97 -3.54 -9.10
CA TRP A 16 6.07 -2.61 -9.25
C TRP A 16 5.50 -1.34 -9.89
N ASN A 17 5.93 -0.21 -9.39
CA ASN A 17 5.44 1.08 -9.88
C ASN A 17 6.67 1.96 -10.18
N SER A 18 6.61 2.69 -11.27
CA SER A 18 7.74 3.49 -11.72
C SER A 18 8.07 4.70 -10.85
N TRP A 19 7.11 5.21 -10.10
CA TRP A 19 7.31 6.46 -9.37
C TRP A 19 8.56 6.51 -8.46
N ASN A 20 8.68 5.65 -7.45
CA ASN A 20 9.84 5.83 -6.54
C ASN A 20 11.16 5.56 -7.24
N ALA A 21 11.08 4.84 -8.37
CA ALA A 21 12.26 4.45 -9.16
C ALA A 21 12.69 5.56 -10.07
N TYR A 22 11.73 6.09 -10.83
CA TYR A 22 12.05 7.05 -11.89
C TYR A 22 11.31 8.37 -11.79
N HIS A 23 10.37 8.49 -10.87
CA HIS A 23 9.53 9.69 -10.85
C HIS A 23 9.05 10.01 -12.27
N CYS A 24 9.23 11.24 -12.74
CA CYS A 24 8.62 11.66 -13.99
C CYS A 24 9.35 11.21 -15.26
N ASP A 25 10.51 10.57 -15.07
CA ASP A 25 11.40 10.27 -16.18
C ASP A 25 11.23 8.82 -16.57
N ILE A 26 10.20 8.54 -17.36
CA ILE A 26 9.88 7.16 -17.68
C ILE A 26 9.72 7.01 -19.17
N ASP A 27 9.87 5.80 -19.66
CA ASP A 27 9.60 5.47 -21.04
C ASP A 27 9.34 3.99 -21.04
N GLU A 28 9.02 3.46 -22.21
CA GLU A 28 8.66 2.05 -22.31
C GLU A 28 9.72 1.10 -21.76
N SER A 29 10.97 1.34 -22.13
CA SER A 29 12.04 0.42 -21.80
C SER A 29 12.16 0.15 -20.31
N LYS A 30 11.88 1.18 -19.53
CA LYS A 30 11.91 1.10 -18.08
C LYS A 30 10.83 0.16 -17.58
N PHE A 31 9.72 0.06 -18.31
CA PHE A 31 8.70 -0.88 -17.91
C PHE A 31 9.00 -2.28 -18.43
N LEU A 32 9.59 -2.35 -19.63
CA LEU A 32 9.94 -3.62 -20.24
C LEU A 32 11.04 -4.28 -19.43
N SER A 33 12.00 -3.47 -18.98
CA SER A 33 13.07 -4.04 -18.16
C SER A 33 12.53 -4.47 -16.79
N ALA A 34 11.76 -3.60 -16.12
CA ALA A 34 11.08 -3.94 -14.87
C ALA A 34 10.36 -5.26 -14.98
N ALA A 35 9.62 -5.42 -16.08
CA ALA A 35 8.85 -6.64 -16.30
C ALA A 35 9.76 -7.84 -16.53
N GLU A 36 10.79 -7.68 -17.34
CA GLU A 36 11.69 -8.79 -17.62
C GLU A 36 12.30 -9.27 -16.33
N LEU A 37 12.63 -8.29 -15.48
CA LEU A 37 13.31 -8.54 -14.21
C LEU A 37 12.38 -9.11 -13.15
N ILE A 38 11.13 -8.67 -13.15
CA ILE A 38 10.15 -9.26 -12.25
C ILE A 38 10.04 -10.75 -12.57
N VAL A 39 10.11 -11.07 -13.86
CA VAL A 39 10.00 -12.47 -14.27
C VAL A 39 11.26 -13.24 -13.89
N SER A 40 12.42 -12.71 -14.31
CA SER A 40 13.69 -13.43 -14.18
C SER A 40 14.25 -13.48 -12.76
N SER A 41 13.96 -12.46 -11.96
CA SER A 41 14.35 -12.42 -10.56
C SER A 41 13.47 -13.32 -9.69
N GLY A 42 12.42 -13.87 -10.27
CA GLY A 42 11.50 -14.72 -9.54
C GLY A 42 10.43 -13.98 -8.75
N LEU A 43 10.37 -12.67 -8.91
CA LEU A 43 9.36 -11.86 -8.24
C LEU A 43 7.93 -12.20 -8.68
N LEU A 44 7.74 -12.45 -9.97
CA LEU A 44 6.43 -12.87 -10.45
C LEU A 44 6.00 -14.16 -9.75
N ASP A 45 6.89 -15.15 -9.76
CA ASP A 45 6.61 -16.42 -9.05
C ASP A 45 6.25 -16.13 -7.59
N ALA A 46 6.91 -15.15 -6.99
CA ALA A 46 6.56 -14.70 -5.63
C ALA A 46 5.16 -14.05 -5.51
N GLY A 47 4.63 -13.51 -6.61
CA GLY A 47 3.30 -12.95 -6.57
C GLY A 47 3.18 -11.57 -7.16
N TYR A 48 4.30 -10.90 -7.38
CA TYR A 48 4.31 -9.53 -7.88
C TYR A 48 3.98 -9.55 -9.35
N ASN A 49 2.74 -9.24 -9.70
CA ASN A 49 2.32 -9.33 -11.10
C ASN A 49 1.85 -8.05 -11.79
N TYR A 50 1.82 -6.93 -11.08
CA TYR A 50 1.46 -5.68 -11.72
C TYR A 50 2.74 -4.93 -12.05
N VAL A 51 2.85 -4.47 -13.29
CA VAL A 51 3.87 -3.52 -13.69
C VAL A 51 3.04 -2.26 -13.92
N ASN A 52 3.23 -1.24 -13.06
CA ASN A 52 2.34 -0.09 -13.02
C ASN A 52 3.00 1.19 -13.42
N ILE A 53 2.42 1.79 -14.45
CA ILE A 53 2.89 3.06 -14.91
C ILE A 53 2.28 4.06 -13.97
N ASP A 54 3.10 4.98 -13.49
CA ASP A 54 2.63 6.06 -12.68
C ASP A 54 2.49 7.33 -13.55
N ASP A 55 2.67 8.49 -12.95
CA ASP A 55 2.51 9.76 -13.66
C ASP A 55 3.53 9.96 -14.78
N CYS A 56 3.19 10.84 -15.73
CA CYS A 56 4.11 11.31 -16.76
C CYS A 56 4.19 10.46 -18.01
N TRP A 57 3.18 9.62 -18.23
CA TRP A 57 3.16 8.74 -19.40
C TRP A 57 2.49 9.37 -20.62
N SER A 58 1.70 10.41 -20.41
CA SER A 58 0.86 10.89 -21.48
C SER A 58 1.45 12.10 -22.18
N MET A 59 0.84 12.54 -23.28
CA MET A 59 1.29 13.76 -23.93
C MET A 59 0.90 14.90 -23.01
N LYS A 60 1.87 15.66 -22.58
CA LYS A 60 1.64 16.59 -21.48
C LYS A 60 0.79 17.81 -21.81
N ASP A 61 0.75 18.17 -23.08
CA ASP A 61 0.13 19.43 -23.45
C ASP A 61 -1.40 19.41 -23.61
N GLY A 62 -2.02 18.27 -23.37
CA GLY A 62 -3.47 18.19 -23.46
C GLY A 62 -3.97 16.92 -24.09
N ARG A 63 -5.28 16.73 -23.99
CA ARG A 63 -5.96 15.65 -24.66
C ARG A 63 -5.80 15.78 -26.16
N VAL A 64 -5.73 14.65 -26.84
CA VAL A 64 -5.67 14.67 -28.28
C VAL A 64 -7.01 14.12 -28.73
N ASP A 65 -7.81 14.99 -29.34
CA ASP A 65 -9.12 14.61 -29.82
C ASP A 65 -10.03 14.04 -28.71
N GLY A 66 -9.97 14.66 -27.54
CA GLY A 66 -10.81 14.25 -26.41
C GLY A 66 -10.30 13.08 -25.59
N HIS A 67 -9.11 12.57 -25.92
CA HIS A 67 -8.56 11.41 -25.23
C HIS A 67 -7.19 11.72 -24.68
N ILE A 68 -6.83 11.11 -23.57
CA ILE A 68 -5.45 11.20 -23.10
C ILE A 68 -4.66 10.32 -24.05
N ALA A 69 -3.62 10.88 -24.67
CA ALA A 69 -2.75 10.15 -25.60
C ALA A 69 -1.43 9.78 -24.93
N PRO A 70 -0.94 8.57 -25.18
CA PRO A 70 0.37 8.18 -24.66
C PRO A 70 1.40 9.07 -25.33
N ASN A 71 2.43 9.43 -24.58
CA ASN A 71 3.57 10.12 -25.16
C ASN A 71 4.25 9.08 -26.01
N ALA A 72 4.15 9.25 -27.32
CA ALA A 72 4.63 8.23 -28.26
C ALA A 72 6.14 8.13 -28.34
N THR A 73 6.84 9.15 -27.86
CA THR A 73 8.28 9.05 -27.87
C THR A 73 8.65 8.11 -26.73
N ARG A 74 7.91 8.23 -25.63
CA ARG A 74 8.14 7.41 -24.45
C ARG A 74 7.59 6.00 -24.64
N PHE A 75 6.49 5.91 -25.38
CA PHE A 75 5.81 4.65 -25.63
C PHE A 75 5.49 4.47 -27.11
N PRO A 76 6.51 4.05 -27.86
CA PRO A 76 6.41 3.94 -29.33
C PRO A 76 5.42 2.90 -29.80
N ASP A 77 4.93 2.06 -28.90
CA ASP A 77 3.92 1.10 -29.29
C ASP A 77 2.61 1.36 -28.56
N GLY A 78 2.59 2.48 -27.83
CA GLY A 78 1.41 2.87 -27.09
C GLY A 78 1.25 2.07 -25.81
N ILE A 79 0.28 2.46 -25.01
CA ILE A 79 -0.08 1.70 -23.83
C ILE A 79 -0.60 0.32 -24.22
N ASP A 80 -1.43 0.25 -25.27
CA ASP A 80 -1.94 -1.02 -25.77
C ASP A 80 -0.82 -1.99 -26.15
N GLY A 81 0.24 -1.47 -26.73
CA GLY A 81 1.36 -2.28 -27.15
C GLY A 81 2.19 -2.74 -25.97
N LEU A 82 2.44 -1.83 -25.03
CA LEU A 82 3.09 -2.20 -23.78
C LEU A 82 2.23 -3.25 -23.10
N ALA A 83 0.91 -3.04 -23.05
CA ALA A 83 0.02 -3.98 -22.39
C ALA A 83 0.19 -5.39 -22.96
N LYS A 84 0.32 -5.48 -24.28
CA LYS A 84 0.42 -6.77 -24.93
C LYS A 84 1.73 -7.43 -24.56
N LYS A 85 2.79 -6.65 -24.51
CA LYS A 85 4.09 -7.18 -24.17
C LYS A 85 4.09 -7.64 -22.71
N VAL A 86 3.45 -6.87 -21.85
CA VAL A 86 3.41 -7.19 -20.43
C VAL A 86 2.50 -8.40 -20.16
N HIS A 87 1.34 -8.41 -20.81
CA HIS A 87 0.43 -9.53 -20.66
C HIS A 87 1.07 -10.84 -21.14
N ALA A 88 1.93 -10.75 -22.14
CA ALA A 88 2.56 -11.94 -22.72
C ALA A 88 3.50 -12.55 -21.72
N LEU A 89 4.10 -11.69 -20.90
CA LEU A 89 5.00 -12.10 -19.85
C LEU A 89 4.25 -12.69 -18.63
N GLY A 90 2.92 -12.68 -18.66
CA GLY A 90 2.12 -13.19 -17.55
C GLY A 90 1.93 -12.15 -16.46
N LEU A 91 2.13 -10.89 -16.83
CA LEU A 91 1.96 -9.78 -15.90
C LEU A 91 0.71 -8.95 -16.23
N LYS A 92 0.39 -8.03 -15.32
CA LYS A 92 -0.70 -7.10 -15.49
C LYS A 92 -0.15 -5.67 -15.59
N LEU A 93 -0.87 -4.79 -16.27
CA LEU A 93 -0.35 -3.45 -16.50
C LEU A 93 -1.22 -2.46 -15.78
N GLY A 94 -0.60 -1.56 -15.05
CA GLY A 94 -1.32 -0.53 -14.34
C GLY A 94 -1.02 0.79 -15.00
N ILE A 95 -1.97 1.71 -14.91
CA ILE A 95 -1.72 3.02 -15.44
C ILE A 95 -2.16 4.01 -14.38
N TYR A 96 -2.04 5.29 -14.68
CA TYR A 96 -2.25 6.30 -13.67
C TYR A 96 -3.03 7.44 -14.25
N SER A 97 -3.98 7.95 -13.47
CA SER A 97 -4.62 9.19 -13.82
C SER A 97 -4.93 9.88 -12.53
N THR A 98 -5.70 10.95 -12.61
CA THR A 98 -6.01 11.83 -11.49
C THR A 98 -7.45 12.28 -11.60
N ALA A 99 -8.13 12.31 -10.45
CA ALA A 99 -9.49 12.82 -10.32
C ALA A 99 -9.43 14.33 -10.19
N GLY A 100 -8.84 14.99 -11.18
CA GLY A 100 -8.62 16.40 -11.11
C GLY A 100 -8.42 16.87 -12.53
N THR A 101 -8.06 18.12 -12.73
CA THR A 101 -7.96 18.59 -14.10
C THR A 101 -6.59 18.31 -14.74
N ALA A 102 -5.61 17.94 -13.92
CA ALA A 102 -4.32 17.53 -14.44
C ALA A 102 -3.72 16.58 -13.44
N THR A 103 -2.82 15.71 -13.88
CA THR A 103 -2.17 14.85 -12.90
C THR A 103 -1.31 15.69 -11.96
N CYS A 104 -0.78 15.03 -10.95
CA CYS A 104 0.05 15.71 -10.00
C CYS A 104 1.30 16.26 -10.68
N ALA A 105 1.78 15.59 -11.73
CA ALA A 105 2.91 16.14 -12.47
C ALA A 105 2.48 17.08 -13.57
N GLY A 106 1.19 17.36 -13.68
CA GLY A 106 0.70 18.32 -14.64
C GLY A 106 0.30 17.77 -16.00
N TYR A 107 -0.05 16.49 -16.06
CA TYR A 107 -0.45 15.88 -17.33
C TYR A 107 -1.97 15.87 -17.42
N PRO A 108 -2.51 15.56 -18.59
CA PRO A 108 -3.96 15.45 -18.76
C PRO A 108 -4.52 14.42 -17.77
N ALA A 109 -5.65 14.77 -17.17
CA ALA A 109 -6.27 13.94 -16.16
C ALA A 109 -7.75 13.74 -16.45
N SER A 110 -8.41 13.00 -15.57
CA SER A 110 -9.68 12.37 -15.92
C SER A 110 -10.97 12.94 -15.39
N LEU A 111 -10.91 13.99 -14.58
CA LEU A 111 -12.12 14.51 -13.98
C LEU A 111 -13.00 15.03 -15.09
N GLY A 112 -14.24 14.52 -15.12
CA GLY A 112 -15.20 14.91 -16.13
C GLY A 112 -15.05 14.16 -17.44
N TYR A 113 -14.04 13.30 -17.52
CA TYR A 113 -13.79 12.52 -18.72
C TYR A 113 -13.68 11.05 -18.38
N GLU A 114 -14.25 10.67 -17.26
CA GLU A 114 -14.09 9.31 -16.77
C GLU A 114 -14.51 8.26 -17.79
N ASP A 115 -15.66 8.48 -18.42
CA ASP A 115 -16.19 7.45 -19.31
C ASP A 115 -15.29 7.23 -20.50
N VAL A 116 -14.78 8.31 -21.09
CA VAL A 116 -13.83 8.18 -22.18
C VAL A 116 -12.47 7.61 -21.73
N ASP A 117 -11.98 8.05 -20.57
CA ASP A 117 -10.69 7.52 -20.10
C ASP A 117 -10.79 6.04 -19.71
N ALA A 118 -11.86 5.68 -19.02
CA ALA A 118 -12.09 4.30 -18.63
C ALA A 118 -12.15 3.40 -19.88
N ALA A 119 -12.90 3.81 -20.88
CA ALA A 119 -12.93 3.06 -22.12
C ALA A 119 -11.54 2.93 -22.77
N ASP A 120 -10.75 3.99 -22.77
CA ASP A 120 -9.42 3.90 -23.38
C ASP A 120 -8.57 2.93 -22.59
N PHE A 121 -8.68 3.01 -21.27
CA PHE A 121 -7.84 2.18 -20.41
C PHE A 121 -8.26 0.73 -20.66
N ALA A 122 -9.55 0.50 -20.67
CA ALA A 122 -10.04 -0.86 -20.83
C ALA A 122 -9.61 -1.39 -22.19
N ASP A 123 -9.81 -0.57 -23.21
CA ASP A 123 -9.51 -0.97 -24.58
C ASP A 123 -8.01 -1.15 -24.80
N TRP A 124 -7.21 -0.51 -23.98
CA TRP A 124 -5.77 -0.71 -24.05
C TRP A 124 -5.30 -1.97 -23.36
N GLY A 125 -6.15 -2.59 -22.55
CA GLY A 125 -5.75 -3.80 -21.86
C GLY A 125 -5.12 -3.49 -20.51
N VAL A 126 -5.21 -2.24 -20.08
CA VAL A 126 -4.83 -1.82 -18.71
C VAL A 126 -5.65 -2.61 -17.69
N ASP A 127 -5.03 -2.98 -16.58
CA ASP A 127 -5.67 -3.82 -15.56
C ASP A 127 -5.85 -3.16 -14.20
N TYR A 128 -5.20 -2.02 -14.04
CA TYR A 128 -5.13 -1.37 -12.74
C TYR A 128 -5.02 0.12 -12.95
N LEU A 129 -5.79 0.88 -12.19
CA LEU A 129 -5.77 2.32 -12.29
C LEU A 129 -5.43 2.92 -10.96
N LYS A 130 -4.30 3.59 -10.89
CA LYS A 130 -3.96 4.36 -9.70
C LYS A 130 -4.52 5.73 -9.98
N TYR A 131 -5.35 6.21 -9.08
CA TYR A 131 -6.10 7.40 -9.37
C TYR A 131 -5.83 8.48 -8.33
N ASP A 132 -5.17 9.56 -8.75
CA ASP A 132 -4.62 10.54 -7.82
C ASP A 132 -5.58 11.68 -7.48
N ASN A 133 -5.11 12.56 -6.62
CA ASN A 133 -5.97 13.58 -6.04
C ASN A 133 -5.55 15.00 -6.30
N CYS A 134 -4.62 15.23 -7.21
CA CYS A 134 -4.20 16.62 -7.46
C CYS A 134 -5.19 17.38 -8.33
N ASN A 135 -5.08 18.71 -8.28
CA ASN A 135 -5.76 19.59 -9.22
C ASN A 135 -7.27 19.48 -9.19
N VAL A 136 -7.82 19.51 -7.99
CA VAL A 136 -9.26 19.46 -7.85
C VAL A 136 -9.73 20.91 -7.97
N PRO A 137 -10.62 21.19 -8.91
CA PRO A 137 -11.11 22.57 -9.11
C PRO A 137 -11.94 23.05 -7.92
N SER A 138 -12.09 24.37 -7.78
CA SER A 138 -12.75 24.99 -6.61
C SER A 138 -14.15 24.46 -6.38
N ASP A 139 -14.83 24.23 -7.50
CA ASP A 139 -16.20 23.76 -7.50
C ASP A 139 -16.30 22.31 -7.09
N TRP A 140 -15.17 21.61 -7.08
CA TRP A 140 -15.15 20.19 -6.72
C TRP A 140 -14.52 19.95 -5.37
N GLN A 141 -14.13 21.04 -4.72
CA GLN A 141 -13.50 21.00 -3.41
C GLN A 141 -14.52 20.47 -2.41
N ASP A 142 -14.08 19.64 -1.47
CA ASP A 142 -14.96 19.26 -0.36
C ASP A 142 -15.30 20.47 0.52
N GLU A 143 -16.51 20.43 1.06
CA GLU A 143 -17.03 21.37 2.06
C GLU A 143 -16.09 21.43 3.23
N TYR A 144 -15.67 20.25 3.66
CA TYR A 144 -14.93 20.09 4.89
C TYR A 144 -13.60 19.41 4.66
N VAL A 145 -12.79 19.34 5.72
CA VAL A 145 -11.60 18.49 5.73
C VAL A 145 -11.84 17.39 6.74
N ALA A 146 -11.20 16.24 6.55
CA ALA A 146 -11.26 15.17 7.52
C ALA A 146 -9.99 15.29 8.37
N CYS A 147 -9.98 14.64 9.53
CA CYS A 147 -8.81 14.77 10.39
C CYS A 147 -7.68 13.90 9.89
N ASN A 148 -6.83 14.50 9.06
CA ASN A 148 -5.72 13.81 8.46
C ASN A 148 -4.47 14.59 8.88
N PRO A 149 -3.72 14.02 9.83
CA PRO A 149 -2.52 14.67 10.35
C PRO A 149 -1.49 14.99 9.27
N ASP A 150 -1.48 14.31 8.12
CA ASP A 150 -0.51 14.63 7.07
C ASP A 150 -0.80 15.98 6.41
N PHE A 151 -2.03 16.45 6.54
CA PHE A 151 -2.42 17.73 5.91
C PHE A 151 -2.95 18.80 6.88
N VAL A 152 -3.58 18.38 7.96
CA VAL A 152 -4.25 19.39 8.80
C VAL A 152 -3.57 19.57 10.14
N LYS A 153 -3.77 20.75 10.70
CA LYS A 153 -3.14 21.10 11.96
C LYS A 153 -3.70 20.22 13.03
N THR A 154 -2.84 19.61 13.82
CA THR A 154 -3.34 18.75 14.88
C THR A 154 -2.86 19.21 16.23
N GLY A 155 -3.60 18.81 17.26
CA GLY A 155 -3.18 19.02 18.63
C GLY A 155 -2.39 17.81 19.07
N PRO A 156 -2.24 17.65 20.38
CA PRO A 156 -1.51 16.51 20.93
C PRO A 156 -2.26 15.25 20.56
N ASN A 157 -1.51 14.19 20.29
CA ASN A 157 -2.09 12.91 19.96
C ASN A 157 -2.80 12.89 18.62
N GLY A 158 -2.32 13.69 17.68
CA GLY A 158 -2.88 13.71 16.33
C GLY A 158 -4.34 14.09 16.25
N THR A 159 -4.81 14.84 17.24
CA THR A 159 -6.22 15.23 17.24
C THR A 159 -6.50 16.50 16.49
N CYS A 160 -7.69 16.54 15.89
CA CYS A 160 -8.18 17.72 15.25
C CYS A 160 -9.30 18.30 16.02
N THR A 161 -9.36 19.62 16.00
CA THR A 161 -10.47 20.31 16.58
C THR A 161 -10.87 21.43 15.65
N THR A 162 -12.02 21.98 15.93
CA THR A 162 -12.55 23.09 15.19
C THR A 162 -11.65 24.31 15.29
N ALA A 163 -11.09 24.55 16.48
CA ALA A 163 -10.26 25.72 16.71
C ALA A 163 -8.97 25.66 15.90
N LEU A 164 -8.51 24.45 15.65
CA LEU A 164 -7.27 24.25 14.91
C LEU A 164 -7.61 24.20 13.44
N ASP A 165 -8.77 23.63 13.15
CA ASP A 165 -9.24 23.52 11.78
C ASP A 165 -10.70 23.86 11.68
N PRO A 166 -10.96 25.12 11.32
CA PRO A 166 -12.33 25.63 11.19
C PRO A 166 -13.20 24.83 10.24
N THR A 167 -12.60 24.15 9.26
CA THR A 167 -13.38 23.42 8.26
C THR A 167 -13.50 21.93 8.57
N LEU A 168 -13.07 21.52 9.75
CA LEU A 168 -13.17 20.13 10.15
C LEU A 168 -14.62 19.72 10.03
N ALA A 169 -14.85 18.53 9.50
CA ALA A 169 -16.20 18.03 9.34
C ALA A 169 -16.87 17.86 10.70
N PRO A 170 -18.12 18.34 10.79
CA PRO A 170 -18.94 18.17 11.99
C PRO A 170 -19.19 16.69 12.23
N PRO A 171 -19.34 16.29 13.48
CA PRO A 171 -19.61 14.89 13.81
C PRO A 171 -20.84 14.39 13.05
N GLY A 172 -20.78 13.16 12.56
CA GLY A 172 -21.88 12.58 11.82
C GLY A 172 -21.94 12.92 10.34
N TYR A 173 -21.02 13.77 9.89
CA TYR A 173 -20.93 14.09 8.48
C TYR A 173 -20.67 12.82 7.66
N ASP A 174 -21.41 12.63 6.57
CA ASP A 174 -21.29 11.43 5.75
C ASP A 174 -20.33 11.65 4.59
N TRP A 175 -19.13 11.11 4.70
CA TRP A 175 -18.09 11.35 3.71
C TRP A 175 -18.40 10.67 2.40
N SER A 176 -19.31 9.70 2.41
CA SER A 176 -19.67 9.06 1.15
C SER A 176 -20.43 10.01 0.24
N THR A 177 -20.85 11.16 0.78
CA THR A 177 -21.60 12.12 -0.01
C THR A 177 -20.72 13.29 -0.39
N SER A 178 -19.45 13.20 -0.03
CA SER A 178 -18.54 14.31 -0.29
C SER A 178 -18.21 14.41 -1.76
N LYS A 179 -17.67 15.54 -2.17
CA LYS A 179 -17.21 15.65 -3.53
C LYS A 179 -16.07 14.67 -3.84
N SER A 180 -15.19 14.41 -2.86
CA SER A 180 -14.10 13.44 -3.08
C SER A 180 -14.69 12.07 -3.42
N ALA A 181 -15.66 11.63 -2.63
CA ALA A 181 -16.30 10.36 -2.90
C ALA A 181 -16.94 10.34 -4.28
N GLU A 182 -17.54 11.46 -4.68
CA GLU A 182 -18.15 11.56 -5.99
C GLU A 182 -17.12 11.44 -7.12
N ARG A 183 -15.98 12.10 -6.93
CA ARG A 183 -14.92 12.15 -7.96
C ARG A 183 -14.37 10.77 -8.18
N PHE A 184 -14.14 10.09 -7.08
CA PHE A 184 -13.67 8.73 -7.17
C PHE A 184 -14.73 7.77 -7.60
N GLY A 185 -15.96 7.98 -7.12
CA GLY A 185 -17.05 7.11 -7.51
C GLY A 185 -17.33 7.19 -9.00
N ALA A 186 -17.12 8.36 -9.58
CA ALA A 186 -17.38 8.57 -10.98
C ALA A 186 -16.45 7.69 -11.83
N MET A 187 -15.22 7.49 -11.39
CA MET A 187 -14.31 6.64 -12.15
C MET A 187 -14.63 5.17 -11.86
N ARG A 188 -15.01 4.87 -10.61
CA ARG A 188 -15.50 3.52 -10.29
C ARG A 188 -16.60 3.17 -11.31
N ASN A 189 -17.61 4.03 -11.38
CA ASN A 189 -18.77 3.78 -12.27
C ASN A 189 -18.38 3.67 -13.73
N ALA A 190 -17.45 4.52 -14.17
CA ALA A 190 -17.00 4.46 -15.56
C ALA A 190 -16.28 3.14 -15.88
N LEU A 191 -15.38 2.71 -15.00
CA LEU A 191 -14.66 1.44 -15.21
C LEU A 191 -15.57 0.23 -15.21
N ALA A 192 -16.57 0.26 -14.35
CA ALA A 192 -17.48 -0.86 -14.15
C ALA A 192 -18.23 -1.22 -15.42
N LYS A 193 -18.42 -0.25 -16.31
CA LYS A 193 -19.17 -0.50 -17.53
C LYS A 193 -18.32 -1.08 -18.65
N GLN A 194 -17.01 -1.08 -18.50
CA GLN A 194 -16.16 -1.60 -19.56
C GLN A 194 -16.04 -3.11 -19.44
N SER A 195 -15.72 -3.79 -20.53
CA SER A 195 -15.68 -5.27 -20.49
C SER A 195 -14.39 -5.78 -19.84
N HIS A 196 -13.32 -5.00 -19.92
CA HIS A 196 -12.04 -5.43 -19.41
C HIS A 196 -11.98 -4.89 -17.98
N GLU A 197 -11.70 -5.77 -17.03
CA GLU A 197 -11.81 -5.40 -15.63
C GLU A 197 -10.59 -4.62 -15.20
N ILE A 198 -10.83 -3.47 -14.58
CA ILE A 198 -9.72 -2.67 -14.09
C ILE A 198 -9.97 -2.38 -12.61
N VAL A 199 -8.96 -2.65 -11.78
CA VAL A 199 -9.09 -2.33 -10.38
C VAL A 199 -8.75 -0.87 -10.14
N LEU A 200 -9.39 -0.28 -9.14
CA LEU A 200 -9.17 1.10 -8.85
C LEU A 200 -8.43 1.28 -7.55
N SER A 201 -7.31 1.97 -7.65
CA SER A 201 -6.47 2.29 -6.50
C SER A 201 -6.65 3.78 -6.32
N MET A 202 -7.06 4.17 -5.13
CA MET A 202 -7.51 5.52 -4.89
C MET A 202 -6.38 6.28 -4.21
N CYS A 203 -5.63 7.01 -5.02
CA CYS A 203 -4.51 7.74 -4.46
C CYS A 203 -5.03 9.05 -3.90
N ILE A 204 -5.55 8.98 -2.68
CA ILE A 204 -6.18 10.14 -2.10
C ILE A 204 -5.46 10.68 -0.85
N TRP A 205 -4.35 10.05 -0.50
CA TRP A 205 -3.47 10.54 0.56
C TRP A 205 -4.13 10.54 1.93
N GLY A 206 -5.10 9.65 2.11
CA GLY A 206 -5.80 9.56 3.37
C GLY A 206 -6.77 10.69 3.58
N GLN A 207 -7.07 11.45 2.54
CA GLN A 207 -8.03 12.54 2.67
C GLN A 207 -9.47 12.06 2.68
N ALA A 208 -10.34 12.97 3.11
CA ALA A 208 -11.78 12.84 2.92
C ALA A 208 -12.32 11.63 3.63
N ASP A 209 -11.65 11.22 4.69
CA ASP A 209 -12.03 10.03 5.43
C ASP A 209 -12.33 8.86 4.48
N VAL A 210 -11.41 8.56 3.59
CA VAL A 210 -11.61 7.53 2.59
C VAL A 210 -11.78 6.17 3.25
N PHE A 211 -11.27 6.04 4.47
CA PHE A 211 -11.39 4.80 5.21
C PHE A 211 -12.85 4.36 5.35
N SER A 212 -13.76 5.33 5.41
CA SER A 212 -15.15 4.96 5.67
C SER A 212 -15.94 4.62 4.41
N TRP A 213 -15.53 5.15 3.27
CA TRP A 213 -16.26 4.84 2.05
C TRP A 213 -15.44 4.19 0.95
N GLY A 214 -14.15 3.98 1.18
CA GLY A 214 -13.29 3.55 0.09
C GLY A 214 -13.66 2.18 -0.42
N ASN A 215 -14.05 1.33 0.51
CA ASN A 215 -14.45 -0.01 0.16
C ASN A 215 -15.68 -0.07 -0.77
N SER A 216 -16.44 1.01 -0.86
CA SER A 216 -17.57 1.02 -1.79
C SER A 216 -17.10 1.52 -3.16
N THR A 217 -15.83 1.87 -3.26
CA THR A 217 -15.37 2.59 -4.44
C THR A 217 -14.22 1.92 -5.17
N GLY A 218 -13.22 1.46 -4.44
CA GLY A 218 -12.04 0.90 -5.08
C GLY A 218 -11.47 -0.24 -4.25
N ILE A 219 -10.36 -0.80 -4.69
CA ILE A 219 -9.79 -1.94 -3.97
C ILE A 219 -8.73 -1.53 -2.97
N SER A 220 -8.22 -0.32 -3.11
CA SER A 220 -7.27 0.20 -2.12
C SER A 220 -7.30 1.71 -2.08
N TRP A 221 -6.79 2.29 -1.01
CA TRP A 221 -6.72 3.75 -0.87
C TRP A 221 -5.47 4.12 -0.08
N ARG A 222 -4.66 5.01 -0.68
CA ARG A 222 -3.54 5.63 0.00
C ARG A 222 -4.08 6.26 1.29
N MET A 223 -3.36 6.13 2.39
CA MET A 223 -3.85 6.62 3.68
C MET A 223 -3.00 7.73 4.24
N SER A 224 -2.04 8.17 3.45
CA SER A 224 -1.12 9.20 3.89
C SER A 224 -0.59 9.95 2.70
N ASP A 225 0.13 11.03 2.99
CA ASP A 225 0.90 11.69 1.96
C ASP A 225 2.13 10.82 1.60
N ASP A 226 2.77 11.16 0.48
CA ASP A 226 3.76 10.33 -0.19
C ASP A 226 4.84 9.82 0.74
N ILE A 227 5.15 8.54 0.63
CA ILE A 227 6.29 8.02 1.38
C ILE A 227 7.58 8.63 0.77
N SER A 228 8.64 8.68 1.58
CA SER A 228 9.99 9.05 1.16
C SER A 228 10.89 7.96 1.72
N PRO A 229 12.07 7.70 1.13
CA PRO A 229 12.89 6.54 1.52
C PRO A 229 13.74 6.89 2.72
N ASN A 230 13.09 7.17 3.84
CA ASN A 230 13.77 7.35 5.10
C ASN A 230 12.90 6.90 6.25
N TRP A 231 13.55 6.69 7.38
CA TRP A 231 12.90 6.17 8.57
C TRP A 231 11.80 7.07 9.10
N GLY A 232 11.99 8.39 8.99
CA GLY A 232 10.96 9.32 9.37
C GLY A 232 9.62 9.08 8.67
N SER A 233 9.66 8.77 7.38
CA SER A 233 8.42 8.51 6.68
C SER A 233 7.89 7.13 7.00
N VAL A 234 8.79 6.18 7.24
CA VAL A 234 8.33 4.83 7.56
C VAL A 234 7.58 4.87 8.88
N THR A 235 8.13 5.54 9.89
CA THR A 235 7.41 5.64 11.15
C THR A 235 6.18 6.55 11.03
N ARG A 236 6.30 7.67 10.32
CA ARG A 236 5.13 8.50 10.11
C ARG A 236 3.96 7.65 9.57
N ILE A 237 4.20 6.88 8.53
CA ILE A 237 3.09 6.18 7.87
C ILE A 237 2.65 5.02 8.75
N LEU A 238 3.62 4.37 9.39
CA LEU A 238 3.27 3.28 10.27
C LEU A 238 2.32 3.78 11.36
N ASN A 239 2.66 4.92 11.94
CA ASN A 239 1.85 5.46 13.02
C ASN A 239 0.44 5.82 12.54
N LEU A 240 0.35 6.52 11.42
CA LEU A 240 -0.94 6.88 10.89
C LEU A 240 -1.80 5.64 10.66
N ASN A 241 -1.24 4.66 9.96
CA ASN A 241 -2.00 3.46 9.61
C ASN A 241 -2.44 2.64 10.81
N SER A 242 -1.60 2.63 11.83
CA SER A 242 -1.88 1.83 13.01
C SER A 242 -3.26 2.15 13.62
N PHE A 243 -3.78 3.33 13.38
CA PHE A 243 -5.09 3.76 13.90
C PHE A 243 -6.23 3.50 12.92
N LYS A 244 -5.90 2.97 11.75
CA LYS A 244 -6.88 2.89 10.68
C LYS A 244 -7.09 1.48 10.16
N LEU A 245 -6.66 0.51 10.96
CA LEU A 245 -6.66 -0.87 10.52
C LEU A 245 -8.06 -1.49 10.40
N ASN A 246 -9.06 -0.83 10.99
CA ASN A 246 -10.40 -1.41 10.97
C ASN A 246 -11.05 -1.25 9.63
N SER A 247 -10.44 -0.44 8.76
CA SER A 247 -10.89 -0.27 7.39
C SER A 247 -10.27 -1.32 6.50
N VAL A 248 -9.43 -2.19 7.04
CA VAL A 248 -8.69 -3.10 6.18
C VAL A 248 -9.24 -4.51 6.26
N ASP A 249 -9.76 -4.98 5.14
CA ASP A 249 -10.21 -6.35 5.02
C ASP A 249 -10.12 -6.72 3.53
N PHE A 250 -10.68 -7.87 3.16
CA PHE A 250 -10.74 -8.30 1.76
C PHE A 250 -11.38 -7.22 0.90
N TRP A 251 -10.87 -7.10 -0.32
CA TRP A 251 -11.34 -6.15 -1.32
C TRP A 251 -11.09 -4.68 -1.05
N GLY A 252 -10.38 -4.34 0.02
CA GLY A 252 -10.35 -2.94 0.42
C GLY A 252 -9.25 -2.74 1.42
N HIS A 253 -8.10 -2.30 0.91
CA HIS A 253 -6.94 -2.21 1.79
C HIS A 253 -6.36 -0.85 1.87
N ASN A 254 -6.02 -0.42 3.09
CA ASN A 254 -5.28 0.82 3.26
C ASN A 254 -3.96 0.63 2.53
N ASP A 255 -3.56 1.66 1.81
CA ASP A 255 -2.35 1.63 1.02
C ASP A 255 -1.34 2.53 1.72
N ALA A 256 -0.29 1.93 2.27
CA ALA A 256 0.74 2.63 3.02
C ALA A 256 1.79 3.18 2.07
N ASP A 257 1.45 3.20 0.79
CA ASP A 257 2.29 3.71 -0.28
C ASP A 257 3.37 2.75 -0.75
N MET A 258 4.02 3.16 -1.83
CA MET A 258 4.93 2.31 -2.56
C MET A 258 6.18 2.04 -1.75
N LEU A 259 6.70 0.82 -1.90
CA LEU A 259 7.88 0.39 -1.17
C LEU A 259 9.13 1.18 -1.57
N GLU A 260 9.94 1.48 -0.54
CA GLU A 260 11.19 2.20 -0.68
C GLU A 260 12.38 1.26 -0.48
N VAL A 261 12.11 -0.04 -0.42
CA VAL A 261 13.16 -1.04 -0.48
C VAL A 261 14.08 -0.69 -1.64
N GLY A 262 15.37 -0.60 -1.37
CA GLY A 262 16.35 -0.22 -2.37
C GLY A 262 16.72 1.25 -2.46
N ASN A 263 16.06 2.11 -1.69
CA ASN A 263 16.11 3.55 -1.91
C ASN A 263 16.53 4.38 -0.73
N GLY A 264 17.05 5.57 -1.02
CA GLY A 264 17.45 6.51 0.01
C GLY A 264 18.38 5.94 1.04
N ASN A 265 18.19 6.34 2.30
CA ASN A 265 19.14 6.03 3.38
C ASN A 265 18.64 4.99 4.38
N LEU A 266 17.58 4.30 4.02
CA LEU A 266 17.09 3.23 4.89
C LEU A 266 18.18 2.19 5.02
N THR A 267 18.50 1.85 6.25
CA THR A 267 19.43 0.78 6.55
C THR A 267 18.77 -0.55 6.27
N ALA A 268 19.53 -1.63 6.38
CA ALA A 268 18.97 -2.94 6.15
C ALA A 268 17.85 -3.19 7.17
N ALA A 269 18.08 -2.80 8.43
CA ALA A 269 17.09 -2.95 9.50
C ALA A 269 15.79 -2.19 9.19
N GLU A 270 15.94 -0.91 8.86
CA GLU A 270 14.79 -0.10 8.48
C GLU A 270 14.06 -0.68 7.29
N THR A 271 14.79 -1.19 6.31
CA THR A 271 14.17 -1.79 5.15
C THR A 271 13.29 -2.99 5.54
N ARG A 272 13.80 -3.80 6.46
CA ARG A 272 13.10 -4.99 6.90
C ARG A 272 11.82 -4.60 7.60
N THR A 273 11.91 -3.57 8.41
CA THR A 273 10.81 -3.10 9.21
C THR A 273 9.78 -2.60 8.22
N HIS A 274 10.26 -1.81 7.28
CA HIS A 274 9.40 -1.22 6.28
C HIS A 274 8.64 -2.29 5.48
N PHE A 275 9.34 -3.29 4.94
CA PHE A 275 8.66 -4.31 4.16
C PHE A 275 7.72 -5.15 5.04
N ALA A 276 8.24 -5.64 6.16
CA ALA A 276 7.48 -6.51 7.05
C ALA A 276 6.18 -5.85 7.48
N LEU A 277 6.23 -4.58 7.87
CA LEU A 277 5.03 -3.92 8.37
C LEU A 277 4.07 -3.56 7.25
N TRP A 278 4.61 -3.14 6.11
CA TRP A 278 3.78 -2.93 4.92
C TRP A 278 3.03 -4.22 4.56
N ALA A 279 3.76 -5.35 4.51
CA ALA A 279 3.13 -6.65 4.22
C ALA A 279 2.08 -6.99 5.29
N ALA A 280 2.43 -6.80 6.56
CA ALA A 280 1.59 -7.25 7.68
C ALA A 280 0.35 -6.39 7.81
N MET A 281 0.46 -5.15 7.40
CA MET A 281 -0.65 -4.22 7.48
C MET A 281 -1.57 -4.44 6.30
N LYS A 282 -1.18 -5.35 5.41
CA LYS A 282 -1.92 -5.70 4.22
C LYS A 282 -2.17 -4.47 3.38
N SER A 283 -1.14 -3.65 3.31
CA SER A 283 -1.10 -2.64 2.30
C SER A 283 -0.81 -3.40 1.00
N PRO A 284 -1.25 -2.86 -0.12
CA PRO A 284 -0.69 -3.28 -1.41
C PRO A 284 0.85 -3.11 -1.31
N LEU A 285 1.57 -3.97 -2.02
CA LEU A 285 3.01 -3.99 -1.97
C LEU A 285 3.54 -3.77 -3.37
N LEU A 286 3.94 -2.54 -3.64
CA LEU A 286 4.34 -2.15 -4.98
C LEU A 286 5.79 -1.77 -4.87
N ILE A 287 6.65 -2.55 -5.51
CA ILE A 287 8.06 -2.25 -5.53
C ILE A 287 8.27 -0.92 -6.24
N GLY A 288 9.19 -0.11 -5.73
CA GLY A 288 9.37 1.22 -6.29
C GLY A 288 10.84 1.52 -6.51
N THR A 289 11.53 0.64 -7.18
CA THR A 289 12.96 0.85 -7.34
C THR A 289 13.43 0.16 -8.60
N ASP A 290 14.59 0.57 -9.08
CA ASP A 290 15.15 -0.05 -10.27
C ASP A 290 15.65 -1.44 -9.95
N LEU A 291 15.01 -2.43 -10.53
CA LEU A 291 15.27 -3.81 -10.19
C LEU A 291 16.63 -4.31 -10.64
N ALA A 292 17.20 -3.64 -11.63
CA ALA A 292 18.53 -3.98 -12.12
C ALA A 292 19.61 -3.58 -11.10
N GLN A 293 19.28 -2.61 -10.25
CA GLN A 293 20.21 -2.03 -9.29
C GLN A 293 19.97 -2.58 -7.89
N LEU A 294 18.91 -3.38 -7.74
CA LEU A 294 18.54 -3.90 -6.44
C LEU A 294 19.42 -5.09 -6.07
N SER A 295 19.98 -5.05 -4.87
CA SER A 295 20.81 -6.12 -4.33
C SER A 295 20.03 -7.43 -4.21
N GLN A 296 20.74 -8.56 -4.24
CA GLN A 296 20.05 -9.86 -4.14
C GLN A 296 19.43 -9.99 -2.76
N ASN A 297 20.01 -9.29 -1.80
CA ASN A 297 19.51 -9.24 -0.43
C ASN A 297 18.11 -8.57 -0.33
N ASN A 298 17.98 -7.40 -0.91
CA ASN A 298 16.68 -6.76 -1.01
C ASN A 298 15.71 -7.55 -1.90
N ILE A 299 16.20 -8.21 -2.93
CA ILE A 299 15.31 -9.09 -3.72
C ILE A 299 14.77 -10.25 -2.86
N ASN A 300 15.65 -10.88 -2.08
CA ASN A 300 15.20 -11.93 -1.17
C ASN A 300 14.22 -11.41 -0.14
N LEU A 301 14.46 -10.18 0.34
CA LEU A 301 13.52 -9.57 1.28
C LEU A 301 12.14 -9.51 0.66
N LEU A 302 12.06 -9.01 -0.55
CA LEU A 302 10.77 -8.85 -1.25
C LEU A 302 10.08 -10.16 -1.47
N LYS A 303 10.87 -11.23 -1.56
CA LYS A 303 10.32 -12.54 -1.88
C LYS A 303 9.99 -13.31 -0.60
N ASN A 304 10.11 -12.69 0.56
CA ASN A 304 9.82 -13.42 1.80
C ASN A 304 8.47 -14.15 1.76
N LYS A 305 8.57 -15.48 1.72
CA LYS A 305 7.39 -16.29 1.48
C LYS A 305 6.34 -16.11 2.58
N HIS A 306 6.77 -15.85 3.81
CA HIS A 306 5.83 -15.80 4.94
C HIS A 306 5.11 -14.49 5.02
N LEU A 307 5.84 -13.41 4.78
CA LEU A 307 5.26 -12.09 4.76
C LEU A 307 4.30 -12.05 3.59
N LEU A 308 4.68 -12.62 2.46
CA LEU A 308 3.78 -12.59 1.31
C LEU A 308 2.55 -13.45 1.55
N ALA A 309 2.72 -14.68 2.04
CA ALA A 309 1.57 -15.50 2.31
C ALA A 309 0.64 -14.79 3.27
N PHE A 310 1.20 -14.13 4.28
CA PHE A 310 0.36 -13.47 5.27
C PHE A 310 -0.44 -12.34 4.65
N ASN A 311 0.25 -11.52 3.87
CA ASN A 311 -0.38 -10.42 3.19
C ASN A 311 -1.50 -10.94 2.25
N GLN A 312 -1.20 -12.05 1.56
CA GLN A 312 -2.04 -12.58 0.50
C GLN A 312 -3.04 -13.59 1.02
N ASP A 313 -3.15 -13.71 2.34
CA ASP A 313 -4.04 -14.72 2.94
C ASP A 313 -5.47 -14.61 2.43
N SER A 314 -6.04 -15.74 2.00
CA SER A 314 -7.35 -15.71 1.38
C SER A 314 -8.49 -16.15 2.30
N VAL A 315 -8.17 -16.38 3.57
CA VAL A 315 -9.15 -16.77 4.56
C VAL A 315 -9.28 -15.66 5.59
N TYR A 316 -8.15 -15.08 5.96
CA TYR A 316 -8.13 -14.02 6.94
C TYR A 316 -7.91 -12.72 6.19
N GLY A 317 -8.94 -11.89 6.17
CA GLY A 317 -8.87 -10.63 5.46
C GLY A 317 -8.24 -9.50 6.24
N GLN A 318 -8.32 -9.55 7.56
CA GLN A 318 -7.81 -8.48 8.39
C GLN A 318 -6.28 -8.51 8.42
N PRO A 319 -5.66 -7.37 8.69
CA PRO A 319 -4.21 -7.32 8.78
C PRO A 319 -3.79 -7.62 10.21
N ALA A 320 -2.50 -7.77 10.35
CA ALA A 320 -1.92 -7.77 11.67
C ALA A 320 -2.24 -6.38 12.30
N THR A 321 -2.48 -6.35 13.61
CA THR A 321 -2.79 -5.11 14.30
C THR A 321 -1.92 -5.03 15.50
N PRO A 322 -1.72 -3.81 16.02
CA PRO A 322 -0.92 -3.61 17.22
C PRO A 322 -1.66 -4.12 18.43
N TYR A 323 -0.95 -4.89 19.25
CA TYR A 323 -1.57 -5.35 20.48
C TYR A 323 -1.00 -4.63 21.67
N LYS A 324 0.12 -3.96 21.46
CA LYS A 324 0.78 -3.25 22.52
C LYS A 324 1.68 -2.22 21.88
N TRP A 325 1.58 -0.98 22.34
CA TRP A 325 2.36 0.10 21.73
C TRP A 325 3.82 0.04 22.12
N GLY A 326 4.11 -0.24 23.38
CA GLY A 326 5.49 -0.41 23.80
C GLY A 326 5.97 0.76 24.58
N ILE A 327 6.84 1.58 23.97
CA ILE A 327 7.38 2.68 24.73
C ILE A 327 6.27 3.63 25.21
N ASN A 328 5.32 3.92 24.33
CA ASN A 328 4.16 4.71 24.73
C ASN A 328 2.96 3.86 25.22
N PRO A 329 2.01 4.50 25.92
CA PRO A 329 0.74 3.85 26.25
C PRO A 329 0.05 3.36 24.99
N ASP A 330 -0.73 2.28 25.09
CA ASP A 330 -1.51 1.84 23.94
C ASP A 330 -2.35 2.98 23.37
N TRP A 331 -2.54 2.97 22.05
CA TRP A 331 -3.29 3.99 21.34
C TRP A 331 -2.69 5.38 21.43
N THR A 332 -1.37 5.47 21.48
CA THR A 332 -0.73 6.75 21.45
C THR A 332 -0.27 7.08 20.05
N PHE A 333 -0.86 8.13 19.51
CA PHE A 333 -0.45 8.65 18.23
C PHE A 333 0.90 9.32 18.42
N ASN A 334 1.93 8.81 17.74
CA ASN A 334 3.25 9.37 17.90
C ASN A 334 4.06 9.07 16.65
N VAL A 335 4.44 10.11 15.93
CA VAL A 335 5.06 9.92 14.61
C VAL A 335 6.43 9.25 14.60
N THR A 336 7.16 9.38 15.67
CA THR A 336 8.52 8.87 15.74
C THR A 336 8.56 7.51 16.40
N TYR A 337 7.62 7.30 17.31
CA TYR A 337 7.55 6.08 18.09
C TYR A 337 6.17 5.40 17.98
N PRO A 338 5.91 4.77 16.84
CA PRO A 338 4.61 4.15 16.60
C PRO A 338 4.52 2.84 17.38
N ALA A 339 3.35 2.22 17.33
CA ALA A 339 3.09 0.93 17.97
C ALA A 339 4.16 -0.08 17.61
N GLU A 340 4.65 -0.82 18.61
CA GLU A 340 5.81 -1.67 18.36
C GLU A 340 5.46 -3.13 18.20
N PHE A 341 4.38 -3.55 18.85
CA PHE A 341 3.98 -4.95 18.91
C PHE A 341 2.74 -5.27 18.11
N TRP A 342 2.93 -6.10 17.08
CA TRP A 342 1.90 -6.38 16.11
C TRP A 342 1.69 -7.86 15.93
N ALA A 343 0.43 -8.25 15.73
CA ALA A 343 0.09 -9.63 15.50
C ALA A 343 -1.21 -9.75 14.73
N GLY A 344 -1.29 -10.79 13.93
CA GLY A 344 -2.53 -11.15 13.31
C GLY A 344 -2.52 -12.61 12.94
N PRO A 345 -3.71 -13.22 12.91
CA PRO A 345 -3.85 -14.61 12.49
C PRO A 345 -3.71 -14.74 10.98
N SER A 346 -3.37 -15.93 10.53
CA SER A 346 -3.34 -16.25 9.11
C SER A 346 -3.50 -17.77 8.97
N SER A 347 -3.58 -18.25 7.73
CA SER A 347 -3.70 -19.68 7.47
C SER A 347 -2.46 -20.44 7.95
N LYS A 348 -1.31 -19.78 7.89
CA LYS A 348 -0.04 -20.39 8.27
C LYS A 348 0.25 -20.32 9.76
N GLY A 349 -0.59 -19.60 10.50
CA GLY A 349 -0.31 -19.37 11.91
C GLY A 349 -0.35 -17.88 12.26
N HIS A 350 -0.03 -17.54 13.51
CA HIS A 350 -0.09 -16.14 13.92
C HIS A 350 1.23 -15.46 13.61
N LEU A 351 1.14 -14.32 12.94
CA LEU A 351 2.33 -13.56 12.63
C LEU A 351 2.49 -12.57 13.76
N VAL A 352 3.70 -12.49 14.29
CA VAL A 352 3.98 -11.53 15.35
C VAL A 352 5.18 -10.69 14.90
N LEU A 353 5.07 -9.38 15.05
CA LEU A 353 6.12 -8.47 14.63
C LEU A 353 6.44 -7.54 15.79
N MET A 354 7.71 -7.33 16.05
CA MET A 354 8.11 -6.49 17.15
C MET A 354 9.13 -5.52 16.59
N VAL A 355 8.74 -4.24 16.56
CA VAL A 355 9.51 -3.21 15.91
C VAL A 355 10.33 -2.51 16.95
N ASN A 356 11.63 -2.50 16.74
CA ASN A 356 12.45 -1.72 17.65
C ASN A 356 12.56 -0.31 17.12
N THR A 357 11.77 0.58 17.67
CA THR A 357 11.84 1.95 17.20
C THR A 357 13.00 2.73 17.80
N LEU A 358 13.71 2.12 18.74
CA LEU A 358 14.82 2.80 19.40
C LEU A 358 16.02 2.73 18.49
N ASP A 359 16.98 3.64 18.68
CA ASP A 359 18.15 3.63 17.81
C ASP A 359 19.28 2.83 18.45
N ILE A 360 18.92 1.93 19.35
CA ILE A 360 19.88 1.05 19.96
C ILE A 360 19.20 -0.30 20.06
N THR A 361 20.01 -1.35 20.14
CA THR A 361 19.51 -2.68 20.36
C THR A 361 18.60 -2.72 21.59
N ALA A 362 17.46 -3.36 21.43
CA ALA A 362 16.55 -3.51 22.51
C ALA A 362 16.06 -4.94 22.48
N THR A 363 15.69 -5.43 23.66
CA THR A 363 15.18 -6.76 23.79
C THR A 363 13.67 -6.65 23.75
N LYS A 364 13.03 -7.40 22.86
CA LYS A 364 11.59 -7.31 22.72
C LYS A 364 11.07 -8.70 22.97
N GLU A 365 9.98 -8.82 23.71
CA GLU A 365 9.47 -10.15 24.00
C GLU A 365 8.02 -10.31 23.58
N ALA A 366 7.79 -11.33 22.77
CA ALA A 366 6.46 -11.69 22.37
C ALA A 366 5.92 -12.60 23.47
N LYS A 367 4.83 -12.20 24.12
CA LYS A 367 4.25 -12.99 25.20
C LYS A 367 2.88 -13.44 24.73
N TRP A 368 2.67 -14.74 24.63
CA TRP A 368 1.47 -15.26 24.02
C TRP A 368 0.16 -14.79 24.66
N ASN A 369 0.14 -14.65 25.98
CA ASN A 369 -1.09 -14.23 26.65
C ASN A 369 -1.51 -12.80 26.30
N GLU A 370 -0.55 -11.97 25.86
CA GLU A 370 -0.84 -10.61 25.40
C GLU A 370 -1.41 -10.56 23.98
N ILE A 371 -1.18 -11.62 23.22
CA ILE A 371 -1.54 -11.61 21.79
C ILE A 371 -2.94 -12.15 21.57
N PRO A 372 -3.82 -11.32 21.03
CA PRO A 372 -5.20 -11.75 20.74
C PRO A 372 -5.20 -13.00 19.88
N GLY A 373 -5.89 -14.04 20.33
CA GLY A 373 -5.97 -15.26 19.55
C GLY A 373 -4.98 -16.32 19.98
N LEU A 374 -4.03 -15.92 20.84
CA LEU A 374 -3.11 -16.88 21.44
C LEU A 374 -3.43 -16.97 22.93
N SER A 375 -2.86 -17.96 23.61
CA SER A 375 -3.03 -18.08 25.06
C SER A 375 -1.70 -18.52 25.63
N ALA A 376 -1.54 -18.42 26.94
CA ALA A 376 -0.35 -18.99 27.55
C ALA A 376 -0.20 -20.44 27.10
N GLY A 377 1.04 -20.86 26.94
CA GLY A 377 1.32 -22.22 26.54
C GLY A 377 2.61 -22.26 25.76
N HIS A 378 2.77 -23.28 24.93
CA HIS A 378 3.95 -23.42 24.12
C HIS A 378 3.48 -23.57 22.71
N TYR A 379 4.05 -22.77 21.83
CA TYR A 379 3.76 -22.86 20.43
C TYR A 379 5.04 -23.12 19.65
N GLU A 380 4.91 -23.79 18.51
CA GLU A 380 6.03 -23.93 17.57
C GLU A 380 6.19 -22.55 16.93
N VAL A 381 7.43 -22.09 16.87
CA VAL A 381 7.74 -20.76 16.36
C VAL A 381 8.81 -20.85 15.31
N ARG A 382 8.62 -20.05 14.27
CA ARG A 382 9.54 -20.01 13.16
C ARG A 382 9.93 -18.58 12.97
N ASP A 383 11.23 -18.36 12.82
CA ASP A 383 11.79 -17.07 12.46
C ASP A 383 11.44 -16.80 11.01
N VAL A 384 10.76 -15.69 10.75
CA VAL A 384 10.33 -15.39 9.38
C VAL A 384 11.52 -14.97 8.51
N TRP A 385 12.49 -14.29 9.11
CA TRP A 385 13.63 -13.81 8.33
C TRP A 385 14.56 -14.93 7.88
N SER A 386 14.80 -15.90 8.76
CA SER A 386 15.73 -16.99 8.46
C SER A 386 15.03 -18.27 8.03
N ASP A 387 13.72 -18.30 8.25
CA ASP A 387 12.92 -19.49 8.06
C ASP A 387 13.30 -20.59 9.05
N LYS A 388 14.02 -20.23 10.09
CA LYS A 388 14.43 -21.21 11.08
C LYS A 388 13.36 -21.59 12.08
N ASP A 389 13.25 -22.89 12.26
CA ASP A 389 12.50 -23.49 13.35
C ASP A 389 13.18 -23.07 14.67
N LEU A 390 12.47 -22.30 15.48
CA LEU A 390 13.00 -21.87 16.76
C LEU A 390 12.50 -22.76 17.88
N GLY A 391 11.64 -23.70 17.53
CA GLY A 391 11.18 -24.68 18.49
C GLY A 391 9.86 -24.41 19.15
N CYS A 392 9.66 -25.07 20.27
CA CYS A 392 8.43 -25.02 21.02
C CYS A 392 8.65 -24.05 22.16
N LEU A 393 8.06 -22.86 22.06
CA LEU A 393 8.43 -21.76 22.97
C LEU A 393 7.29 -21.24 23.82
N SER A 394 7.62 -20.85 25.05
CA SER A 394 6.63 -20.31 25.97
C SER A 394 6.52 -18.79 25.80
N SER A 395 7.46 -18.24 25.04
CA SER A 395 7.42 -16.83 24.67
C SER A 395 8.60 -16.69 23.76
N TYR A 396 8.76 -15.53 23.16
CA TYR A 396 9.90 -15.35 22.28
C TYR A 396 10.54 -13.99 22.51
N LYS A 397 11.81 -14.08 22.85
CA LYS A 397 12.60 -12.92 23.20
C LYS A 397 13.70 -12.78 22.17
N ALA A 398 13.84 -11.59 21.61
CA ALA A 398 14.99 -11.31 20.76
C ALA A 398 15.58 -9.94 21.05
N ALA A 399 16.90 -9.89 20.89
CA ALA A 399 17.69 -8.68 20.78
C ALA A 399 17.45 -8.13 19.37
N VAL A 400 16.75 -7.01 19.28
CA VAL A 400 16.39 -6.49 17.97
C VAL A 400 17.21 -5.27 17.68
N ALA A 401 17.90 -5.30 16.55
CA ALA A 401 18.72 -4.17 16.19
C ALA A 401 17.93 -2.86 16.16
N ALA A 402 18.66 -1.74 16.22
CA ALA A 402 18.05 -0.43 16.07
C ALA A 402 17.20 -0.38 14.79
N HIS A 403 15.94 -0.01 14.95
CA HIS A 403 14.99 0.17 13.83
C HIS A 403 14.69 -1.14 13.08
N ASP A 404 15.05 -2.26 13.64
CA ASP A 404 14.77 -3.54 13.03
C ASP A 404 13.44 -4.08 13.55
N THR A 405 12.95 -5.14 12.91
CA THR A 405 11.72 -5.81 13.33
C THR A 405 12.01 -7.31 13.43
N ALA A 406 11.75 -7.86 14.62
CA ALA A 406 11.76 -9.30 14.83
C ALA A 406 10.44 -9.82 14.29
N VAL A 407 10.48 -10.85 13.46
CA VAL A 407 9.24 -11.38 12.89
C VAL A 407 9.17 -12.90 12.98
N ILE A 408 8.12 -13.40 13.61
CA ILE A 408 8.02 -14.82 13.85
C ILE A 408 6.63 -15.27 13.44
N LEU A 409 6.53 -16.54 13.11
CA LEU A 409 5.25 -17.12 12.79
C LEU A 409 5.01 -18.11 13.91
N VAL A 410 3.88 -17.95 14.59
CA VAL A 410 3.54 -18.80 15.71
C VAL A 410 2.63 -19.87 15.18
N GLY A 411 3.05 -21.11 15.35
CA GLY A 411 2.38 -22.22 14.71
C GLY A 411 1.43 -22.89 15.66
N LYS A 412 1.38 -24.21 15.55
CA LYS A 412 0.49 -24.99 16.38
C LYS A 412 1.04 -25.07 17.79
N LYS A 413 0.12 -25.21 18.75
CA LYS A 413 0.51 -25.42 20.13
C LYS A 413 1.35 -26.71 20.23
N CYS A 414 2.23 -26.77 21.23
CA CYS A 414 3.09 -27.93 21.39
C CYS A 414 3.41 -28.23 22.85
N GLN A 415 3.96 -29.42 23.08
CA GLN A 415 4.57 -29.82 24.36
C GLN A 415 3.81 -29.49 25.65
N ARG A 416 2.62 -30.08 25.78
CA ARG A 416 1.79 -29.87 26.97
C ARG A 416 2.02 -30.90 28.10
N TRP A 417 1.28 -30.73 29.20
CA TRP A 417 1.55 -31.44 30.45
C TRP A 417 0.28 -31.80 31.25
#